data_7NP2
#
_entry.id   7NP2
#
_cell.length_a   82.419
_cell.length_b   111.941
_cell.length_c   62.673
_cell.angle_alpha   90.000
_cell.angle_beta   90.000
_cell.angle_gamma   90.000
#
_symmetry.space_group_name_H-M   'C 2 2 21'
#
loop_
_entity.id
_entity.type
_entity.pdbx_description
1 polymer '14-3-3 protein sigma'
2 polymer 'Amot-p130 phosphopeptide (pS175)'
3 non-polymer 'MAGNESIUM ION'
4 non-polymer 'CHLORIDE ION'
5 water water
#
loop_
_entity_poly.entity_id
_entity_poly.type
_entity_poly.pdbx_seq_one_letter_code
_entity_poly.pdbx_strand_id
1 'polypeptide(L)'
;GAMGSMERASLIQKAKLAEQAERYEDMAAFMKGAVEKGEELS(CSO)EERNLLSVAYKNVVGGQRAAWRVLSSIEQKSNE
EGSEEKGPEVREYREKVETELQGVCDTVLGLLDSHLIKEAGDAESRVFYLKMKGDYYRYLAEVATGDDKKRIIDSARSAY
QEAMDISKKEMPPTNPIRLGLALNFSVFHYEIANSPEEAISLAKTTFDEAMADLHTLSEDSYKDSTLIMQLLRDNLTLWT
ADNAGEEGGEAPQEPQS
;
A
2 'polypeptide(L)' GHVRSL(SEP)ERLMQMSLATSGV P
#
# COMPACT_ATOMS: atom_id res chain seq x y z
N GLY A 1 22.42 -8.54 7.98
CA GLY A 1 21.08 -8.29 8.60
C GLY A 1 21.00 -8.92 9.97
N ALA A 2 20.40 -8.20 10.92
CA ALA A 2 20.28 -8.71 12.28
C ALA A 2 19.41 -9.95 12.36
N MET A 3 18.62 -10.26 11.33
CA MET A 3 17.84 -11.49 11.31
C MET A 3 18.53 -12.64 10.58
N GLY A 4 19.77 -12.45 10.14
CA GLY A 4 20.44 -13.45 9.34
C GLY A 4 20.69 -14.76 10.06
N SER A 5 20.77 -14.72 11.39
CA SER A 5 21.02 -15.93 12.16
C SER A 5 19.76 -16.66 12.57
N MET A 6 18.57 -16.12 12.30
CA MET A 6 17.34 -16.75 12.72
C MET A 6 16.73 -17.58 11.60
N GLU A 7 16.23 -18.76 11.93
CA GLU A 7 15.56 -19.61 10.97
C GLU A 7 14.40 -18.88 10.31
N ARG A 8 14.19 -19.19 9.04
CA ARG A 8 13.04 -18.65 8.32
C ARG A 8 11.74 -18.94 9.05
N ALA A 9 11.53 -20.19 9.46
CA ALA A 9 10.28 -20.53 10.09
C ALA A 9 10.09 -19.79 11.41
N SER A 10 11.18 -19.56 12.14
CA SER A 10 11.11 -18.83 13.40
C SER A 10 10.77 -17.37 13.17
N LEU A 11 11.30 -16.77 12.10
CA LEU A 11 10.94 -15.40 11.75
C LEU A 11 9.47 -15.29 11.45
N ILE A 12 8.92 -16.24 10.71
CA ILE A 12 7.49 -16.22 10.39
CA ILE A 12 7.50 -16.18 10.40
C ILE A 12 6.66 -16.38 11.66
N GLN A 13 7.07 -17.32 12.52
CA GLN A 13 6.35 -17.53 13.77
CA GLN A 13 6.36 -17.53 13.78
C GLN A 13 6.36 -16.26 14.61
N LYS A 14 7.51 -15.61 14.72
CA LYS A 14 7.61 -14.39 15.49
C LYS A 14 6.86 -13.23 14.85
N ALA A 15 6.80 -13.17 13.51
CA ALA A 15 5.98 -12.15 12.87
C ALA A 15 4.53 -12.29 13.29
N LYS A 16 4.04 -13.52 13.38
CA LYS A 16 2.66 -13.75 13.80
C LYS A 16 2.44 -13.35 15.26
N LEU A 17 3.43 -13.63 16.13
CA LEU A 17 3.35 -13.18 17.52
C LEU A 17 3.35 -11.67 17.61
N ALA A 18 4.22 -11.02 16.82
CA ALA A 18 4.29 -9.58 16.82
C ALA A 18 2.97 -8.98 16.37
N GLU A 19 2.33 -9.57 15.38
CA GLU A 19 1.01 -9.09 14.97
C GLU A 19 0.03 -9.15 16.14
N GLN A 20 -0.01 -10.28 16.84
CA GLN A 20 -0.92 -10.42 17.96
C GLN A 20 -0.64 -9.40 19.04
N ALA A 21 0.63 -9.06 19.24
CA ALA A 21 1.05 -8.10 20.25
C ALA A 21 1.01 -6.67 19.75
N GLU A 22 0.57 -6.45 18.50
CA GLU A 22 0.52 -5.11 17.91
C GLU A 22 1.90 -4.44 17.87
N ARG A 23 2.93 -5.24 17.63
CA ARG A 23 4.31 -4.77 17.55
C ARG A 23 4.68 -4.77 16.07
N TYR A 24 4.19 -3.79 15.32
CA TYR A 24 4.30 -3.87 13.87
C TYR A 24 5.70 -3.57 13.36
N GLU A 25 6.47 -2.75 14.05
CA GLU A 25 7.86 -2.55 13.64
CA GLU A 25 7.86 -2.55 13.64
C GLU A 25 8.63 -3.86 13.76
N ASP A 26 8.43 -4.59 14.86
CA ASP A 26 9.05 -5.90 14.99
C ASP A 26 8.56 -6.83 13.90
N MET A 27 7.26 -6.82 13.66
CA MET A 27 6.68 -7.69 12.64
C MET A 27 7.34 -7.45 11.29
N ALA A 28 7.52 -6.18 10.94
CA ALA A 28 8.15 -5.85 9.67
C ALA A 28 9.60 -6.29 9.63
N ALA A 29 10.35 -6.12 10.72
CA ALA A 29 11.73 -6.58 10.74
C ALA A 29 11.81 -8.09 10.58
N PHE A 30 10.92 -8.83 11.23
CA PHE A 30 10.92 -10.28 11.09
C PHE A 30 10.60 -10.68 9.65
N MET A 31 9.62 -10.04 9.03
CA MET A 31 9.24 -10.39 7.67
C MET A 31 10.30 -9.98 6.66
N LYS A 32 10.96 -8.85 6.86
CA LYS A 32 12.11 -8.51 6.04
C LYS A 32 13.18 -9.59 6.13
N GLY A 33 13.46 -10.04 7.36
CA GLY A 33 14.40 -11.13 7.52
C GLY A 33 13.98 -12.37 6.76
N ALA A 34 12.68 -12.70 6.81
CA ALA A 34 12.19 -13.87 6.10
C ALA A 34 12.37 -13.70 4.60
N VAL A 35 12.03 -12.53 4.05
CA VAL A 35 12.20 -12.32 2.63
C VAL A 35 13.65 -12.50 2.24
N GLU A 36 14.56 -11.98 3.07
CA GLU A 36 15.97 -12.01 2.73
C GLU A 36 16.56 -13.41 2.77
N LYS A 37 15.83 -14.40 3.25
CA LYS A 37 16.30 -15.78 3.11
C LYS A 37 16.34 -16.22 1.66
N GLY A 38 15.62 -15.55 0.78
CA GLY A 38 15.74 -15.77 -0.65
C GLY A 38 14.71 -16.71 -1.22
N GLU A 39 13.89 -17.34 -0.40
CA GLU A 39 12.84 -18.20 -0.91
C GLU A 39 11.61 -17.36 -1.22
N GLU A 40 10.80 -17.84 -2.17
CA GLU A 40 9.53 -17.19 -2.45
C GLU A 40 8.62 -17.27 -1.23
N LEU A 41 7.64 -16.39 -1.17
CA LEU A 41 6.70 -16.33 -0.05
C LEU A 41 5.40 -16.98 -0.43
N SER A 42 4.81 -17.71 0.50
CA SER A 42 3.47 -18.21 0.33
C SER A 42 2.43 -17.10 0.46
N GLU A 44 0.06 -16.71 2.66
CA GLU A 44 -0.02 -16.24 4.03
C GLU A 44 1.16 -15.33 4.38
N GLU A 45 2.35 -15.72 3.92
CA GLU A 45 3.55 -14.94 4.20
C GLU A 45 3.51 -13.58 3.50
N ARG A 46 3.01 -13.51 2.26
CA ARG A 46 2.85 -12.24 1.58
C ARG A 46 1.93 -11.33 2.37
N ASN A 47 0.86 -11.89 2.91
CA ASN A 47 -0.06 -11.08 3.69
C ASN A 47 0.58 -10.60 4.99
N LEU A 48 1.41 -11.42 5.64
CA LEU A 48 2.10 -10.94 6.82
C LEU A 48 3.02 -9.77 6.47
N LEU A 49 3.74 -9.87 5.35
CA LEU A 49 4.64 -8.81 4.93
C LEU A 49 3.87 -7.53 4.71
N SER A 50 2.74 -7.62 4.01
CA SER A 50 1.93 -6.45 3.73
C SER A 50 1.35 -5.84 4.99
N VAL A 51 0.81 -6.66 5.89
CA VAL A 51 0.21 -6.14 7.12
C VAL A 51 1.26 -5.39 7.92
N ALA A 52 2.46 -5.96 8.02
CA ALA A 52 3.49 -5.37 8.85
C ALA A 52 3.84 -3.97 8.35
N TYR A 53 4.19 -3.86 7.07
CA TYR A 53 4.65 -2.59 6.55
C TYR A 53 3.51 -1.62 6.40
N LYS A 54 2.29 -2.07 6.09
CA LYS A 54 1.17 -1.14 6.01
C LYS A 54 0.93 -0.48 7.35
N ASN A 55 1.07 -1.21 8.44
CA ASN A 55 0.86 -0.62 9.75
C ASN A 55 1.98 0.33 10.10
N VAL A 56 3.22 -0.01 9.76
CA VAL A 56 4.33 0.89 10.06
C VAL A 56 4.17 2.17 9.27
N VAL A 57 4.02 2.08 7.96
CA VAL A 57 3.92 3.29 7.14
CA VAL A 57 3.91 3.29 7.14
C VAL A 57 2.63 4.02 7.45
N GLY A 58 1.57 3.32 7.86
CA GLY A 58 0.33 4.00 8.19
C GLY A 58 0.49 4.95 9.35
N GLY A 59 1.23 4.54 10.37
CA GLY A 59 1.47 5.44 11.48
C GLY A 59 2.33 6.61 11.07
N GLN A 60 3.31 6.39 10.20
CA GLN A 60 4.14 7.48 9.72
C GLN A 60 3.33 8.46 8.89
N ARG A 61 2.45 7.95 8.02
CA ARG A 61 1.62 8.82 7.19
C ARG A 61 0.70 9.65 8.06
N ALA A 62 0.10 9.04 9.07
CA ALA A 62 -0.78 9.80 9.94
C ALA A 62 -0.02 10.91 10.65
N ALA A 63 1.19 10.61 11.12
CA ALA A 63 2.00 11.62 11.80
C ALA A 63 2.41 12.71 10.84
N TRP A 64 2.84 12.33 9.65
CA TRP A 64 3.23 13.32 8.66
C TRP A 64 2.09 14.27 8.34
N ARG A 65 0.86 13.75 8.23
CA ARG A 65 -0.26 14.61 7.91
CA ARG A 65 -0.28 14.60 7.92
C ARG A 65 -0.53 15.61 9.04
N VAL A 66 -0.41 15.18 10.29
CA VAL A 66 -0.58 16.09 11.42
C VAL A 66 0.44 17.21 11.33
N LEU A 67 1.71 16.84 11.12
CA LEU A 67 2.79 17.81 11.13
C LEU A 67 2.72 18.74 9.93
N SER A 68 2.37 18.19 8.76
CA SER A 68 2.23 19.02 7.57
CA SER A 68 2.23 19.03 7.57
C SER A 68 1.11 20.05 7.74
N SER A 69 0.02 19.66 8.38
CA SER A 69 -1.06 20.61 8.60
C SER A 69 -0.62 21.73 9.53
N ILE A 70 0.12 21.39 10.59
CA ILE A 70 0.65 22.42 11.49
C ILE A 70 1.59 23.34 10.74
N GLU A 71 2.45 22.77 9.90
CA GLU A 71 3.41 23.57 9.14
C GLU A 71 2.69 24.48 8.16
N GLN A 72 1.64 23.98 7.50
CA GLN A 72 0.89 24.80 6.56
C GLN A 72 0.20 25.96 7.29
N LYS A 73 -0.37 25.70 8.46
CA LYS A 73 -0.99 26.79 9.23
C LYS A 73 0.04 27.85 9.61
N SER A 74 1.24 27.41 10.01
CA SER A 74 2.27 28.36 10.43
C SER A 74 2.68 29.31 9.30
N ASN A 75 2.41 28.93 8.05
CA ASN A 75 2.80 29.72 6.90
C ASN A 75 1.66 30.55 6.32
N GLU A 76 0.56 30.70 7.06
CA GLU A 76 -0.53 31.56 6.62
C GLU A 76 -0.24 33.00 7.04
N GLU A 77 -0.77 33.96 6.29
C GLU A 77 -1.67 35.90 8.41
N GLY A 78 -0.74 36.33 9.27
CA GLY A 78 -1.03 36.59 10.66
C GLY A 78 -0.52 35.54 11.63
N SER A 79 0.19 34.53 11.14
CA SER A 79 0.73 33.49 12.01
C SER A 79 2.09 33.91 12.52
N GLU A 80 2.33 33.68 13.81
CA GLU A 80 3.57 34.10 14.45
C GLU A 80 4.71 33.15 14.06
N GLU A 81 5.89 33.73 13.85
CA GLU A 81 7.06 32.95 13.45
C GLU A 81 7.61 32.19 14.64
N LYS A 82 7.65 30.86 14.54
CA LYS A 82 8.05 30.01 15.65
C LYS A 82 9.36 29.27 15.40
N GLY A 83 10.08 29.62 14.33
CA GLY A 83 11.36 29.01 14.09
C GLY A 83 11.27 27.76 13.24
N PRO A 84 12.40 27.05 13.14
CA PRO A 84 12.50 25.95 12.19
C PRO A 84 11.96 24.62 12.69
N GLU A 85 11.46 24.54 13.92
CA GLU A 85 11.24 23.24 14.55
C GLU A 85 10.16 22.43 13.86
N VAL A 86 9.05 23.06 13.46
CA VAL A 86 7.97 22.30 12.83
C VAL A 86 8.46 21.69 11.53
N ARG A 87 9.12 22.49 10.69
CA ARG A 87 9.67 21.97 9.46
C ARG A 87 10.67 20.86 9.73
N GLU A 88 11.57 21.07 10.70
CA GLU A 88 12.58 20.07 10.97
C GLU A 88 11.94 18.74 11.38
N TYR A 89 10.94 18.79 12.23
CA TYR A 89 10.35 17.55 12.71
C TYR A 89 9.50 16.89 11.63
N ARG A 90 8.77 17.68 10.83
CA ARG A 90 8.08 17.11 9.68
C ARG A 90 9.08 16.44 8.74
N GLU A 91 10.23 17.07 8.51
CA GLU A 91 11.24 16.48 7.65
C GLU A 91 11.79 15.20 8.25
N LYS A 92 11.93 15.14 9.58
CA LYS A 92 12.41 13.93 10.22
C LYS A 92 11.45 12.78 9.98
N VAL A 93 10.17 13.01 10.24
CA VAL A 93 9.18 11.97 10.01
C VAL A 93 9.13 11.60 8.53
N GLU A 94 9.19 12.60 7.66
CA GLU A 94 9.17 12.32 6.22
C GLU A 94 10.33 11.43 5.80
N THR A 95 11.51 11.71 6.31
CA THR A 95 12.67 10.93 5.93
C THR A 95 12.53 9.49 6.40
N GLU A 96 11.98 9.30 7.59
CA GLU A 96 11.77 7.95 8.09
C GLU A 96 10.75 7.21 7.25
N LEU A 97 9.66 7.89 6.88
CA LEU A 97 8.64 7.32 6.00
C LEU A 97 9.24 6.92 4.67
N GLN A 98 10.03 7.80 4.07
CA GLN A 98 10.67 7.50 2.80
C GLN A 98 11.60 6.30 2.95
N GLY A 99 12.26 6.19 4.10
CA GLY A 99 13.14 5.06 4.33
C GLY A 99 12.41 3.74 4.37
N VAL A 100 11.24 3.72 4.99
CA VAL A 100 10.43 2.50 5.01
C VAL A 100 9.96 2.17 3.61
N CYS A 101 9.46 3.16 2.87
CA CYS A 101 9.05 2.88 1.50
C CYS A 101 10.19 2.35 0.66
N ASP A 102 11.38 2.94 0.79
CA ASP A 102 12.54 2.45 0.05
C ASP A 102 12.89 1.03 0.44
N THR A 103 12.71 0.69 1.72
CA THR A 103 12.99 -0.67 2.16
C THR A 103 12.04 -1.65 1.48
N VAL A 104 10.76 -1.33 1.46
CA VAL A 104 9.79 -2.23 0.83
C VAL A 104 10.07 -2.34 -0.66
N LEU A 105 10.30 -1.20 -1.31
CA LEU A 105 10.57 -1.23 -2.75
C LEU A 105 11.82 -2.02 -3.02
N GLY A 106 12.81 -1.95 -2.13
CA GLY A 106 14.02 -2.72 -2.31
C GLY A 106 13.79 -4.21 -2.19
N LEU A 107 12.93 -4.65 -1.27
CA LEU A 107 12.61 -6.06 -1.19
C LEU A 107 11.89 -6.53 -2.44
N LEU A 108 10.99 -5.70 -2.96
CA LEU A 108 10.27 -6.07 -4.18
C LEU A 108 11.23 -6.20 -5.35
N ASP A 109 12.21 -5.31 -5.43
CA ASP A 109 13.16 -5.33 -6.53
C ASP A 109 14.25 -6.37 -6.36
N SER A 110 14.50 -6.84 -5.15
CA SER A 110 15.60 -7.77 -4.86
C SER A 110 15.09 -8.81 -3.86
N HIS A 111 14.34 -9.82 -4.30
CA HIS A 111 14.05 -10.16 -5.70
C HIS A 111 12.63 -10.69 -5.83
N LEU A 112 11.70 -10.13 -5.07
CA LEU A 112 10.39 -10.75 -4.99
C LEU A 112 9.66 -10.72 -6.32
N ILE A 113 9.66 -9.57 -7.00
CA ILE A 113 8.89 -9.47 -8.24
C ILE A 113 9.45 -10.39 -9.31
N LYS A 114 10.77 -10.39 -9.50
CA LYS A 114 11.32 -11.14 -10.63
C LYS A 114 11.13 -12.64 -10.46
N GLU A 115 10.94 -13.13 -9.25
CA GLU A 115 10.72 -14.56 -9.07
C GLU A 115 9.24 -14.93 -9.05
N ALA A 116 8.35 -13.95 -9.10
CA ALA A 116 6.91 -14.20 -8.96
C ALA A 116 6.31 -14.46 -10.33
N GLY A 117 5.93 -15.71 -10.57
CA GLY A 117 5.40 -16.11 -11.86
C GLY A 117 3.90 -16.30 -11.86
N ASP A 118 3.32 -16.72 -10.74
CA ASP A 118 1.89 -16.93 -10.68
C ASP A 118 1.18 -15.59 -10.57
N ALA A 119 -0.03 -15.50 -11.14
CA ALA A 119 -0.73 -14.22 -11.14
C ALA A 119 -0.97 -13.72 -9.73
N GLU A 120 -1.31 -14.59 -8.79
CA GLU A 120 -1.62 -14.13 -7.44
C GLU A 120 -0.42 -13.42 -6.82
N SER A 121 0.77 -13.99 -6.97
CA SER A 121 1.93 -13.38 -6.36
C SER A 121 2.37 -12.15 -7.14
N ARG A 122 2.42 -12.23 -8.45
CA ARG A 122 2.93 -11.12 -9.24
C ARG A 122 2.04 -9.91 -9.10
N VAL A 123 0.73 -10.09 -9.15
CA VAL A 123 -0.19 -8.97 -8.99
C VAL A 123 -0.05 -8.39 -7.59
N PHE A 124 0.08 -9.25 -6.58
CA PHE A 124 0.22 -8.77 -5.20
C PHE A 124 1.43 -7.86 -5.07
N TYR A 125 2.57 -8.28 -5.62
CA TYR A 125 3.80 -7.53 -5.45
C TYR A 125 3.80 -6.26 -6.29
N LEU A 126 3.24 -6.31 -7.49
CA LEU A 126 3.15 -5.11 -8.31
C LEU A 126 2.20 -4.09 -7.68
N LYS A 127 1.10 -4.55 -7.10
CA LYS A 127 0.23 -3.66 -6.34
C LYS A 127 0.99 -3.02 -5.21
N MET A 128 1.77 -3.82 -4.46
CA MET A 128 2.55 -3.24 -3.38
CA MET A 128 2.56 -3.25 -3.38
C MET A 128 3.52 -2.20 -3.89
N LYS A 129 4.16 -2.47 -5.03
CA LYS A 129 5.08 -1.49 -5.59
C LYS A 129 4.33 -0.19 -5.88
N GLY A 130 3.15 -0.29 -6.50
CA GLY A 130 2.34 0.91 -6.71
C GLY A 130 1.99 1.63 -5.43
N ASP A 131 1.60 0.87 -4.41
CA ASP A 131 1.23 1.46 -3.14
C ASP A 131 2.38 2.25 -2.51
N TYR A 132 3.59 1.67 -2.47
CA TYR A 132 4.69 2.34 -1.78
C TYR A 132 5.23 3.51 -2.61
N TYR A 133 5.17 3.44 -3.94
CA TYR A 133 5.43 4.66 -4.70
C TYR A 133 4.34 5.70 -4.46
N ARG A 134 3.09 5.29 -4.29
CA ARG A 134 2.03 6.24 -3.97
C ARG A 134 2.30 6.92 -2.63
N TYR A 135 2.76 6.18 -1.63
CA TYR A 135 3.09 6.82 -0.35
C TYR A 135 4.26 7.77 -0.51
N LEU A 136 5.25 7.44 -1.33
CA LEU A 136 6.31 8.41 -1.64
C LEU A 136 5.75 9.64 -2.34
N ALA A 137 4.79 9.45 -3.25
CA ALA A 137 4.22 10.58 -3.97
C ALA A 137 3.47 11.52 -3.04
N GLU A 138 2.87 10.99 -1.97
CA GLU A 138 2.12 11.83 -1.05
C GLU A 138 2.99 12.90 -0.40
N VAL A 139 4.30 12.66 -0.28
CA VAL A 139 5.19 13.59 0.40
C VAL A 139 6.16 14.25 -0.55
N ALA A 140 6.11 13.92 -1.83
CA ALA A 140 7.05 14.46 -2.80
C ALA A 140 6.62 15.83 -3.25
N THR A 141 7.61 16.67 -3.52
CA THR A 141 7.37 18.04 -3.95
C THR A 141 8.21 18.39 -5.16
N GLY A 142 9.53 18.19 -5.07
CA GLY A 142 10.48 18.73 -6.01
C GLY A 142 10.52 18.03 -7.35
N ASP A 143 11.72 17.99 -7.94
CA ASP A 143 11.94 17.48 -9.30
C ASP A 143 11.75 15.99 -9.43
N ASP A 144 11.27 15.34 -8.37
CA ASP A 144 11.05 13.91 -8.35
C ASP A 144 9.57 13.52 -8.37
N LYS A 145 8.67 14.45 -8.06
CA LYS A 145 7.27 14.11 -7.91
C LYS A 145 6.72 13.43 -9.16
N LYS A 146 6.99 13.99 -10.34
CA LYS A 146 6.44 13.43 -11.56
C LYS A 146 6.95 12.02 -11.80
N ARG A 147 8.25 11.79 -11.58
CA ARG A 147 8.77 10.45 -11.84
C ARG A 147 8.25 9.45 -10.81
N ILE A 148 8.05 9.87 -9.57
CA ILE A 148 7.50 8.97 -8.57
C ILE A 148 6.06 8.61 -8.92
N ILE A 149 5.27 9.60 -9.33
CA ILE A 149 3.90 9.34 -9.74
C ILE A 149 3.87 8.38 -10.92
N ASP A 150 4.77 8.55 -11.89
CA ASP A 150 4.74 7.64 -13.03
CA ASP A 150 4.80 7.66 -13.04
C ASP A 150 5.17 6.24 -12.63
N SER A 151 6.06 6.11 -11.65
CA SER A 151 6.44 4.79 -11.18
C SER A 151 5.27 4.09 -10.52
N ALA A 152 4.50 4.81 -9.71
CA ALA A 152 3.30 4.21 -9.11
C ALA A 152 2.33 3.79 -10.19
N ARG A 153 2.07 4.69 -11.14
CA ARG A 153 1.12 4.41 -12.21
CA ARG A 153 1.13 4.41 -12.21
C ARG A 153 1.54 3.17 -12.99
N SER A 154 2.82 3.09 -13.34
CA SER A 154 3.31 1.98 -14.15
C SER A 154 3.16 0.65 -13.43
N ALA A 155 3.47 0.61 -12.14
CA ALA A 155 3.32 -0.62 -11.38
C ALA A 155 1.86 -1.03 -11.28
N TYR A 156 0.99 -0.09 -10.95
CA TYR A 156 -0.44 -0.41 -10.89
C TYR A 156 -0.95 -0.90 -12.24
N GLN A 157 -0.51 -0.26 -13.33
CA GLN A 157 -1.01 -0.62 -14.65
C GLN A 157 -0.57 -2.02 -15.04
N GLU A 158 0.69 -2.38 -14.77
CA GLU A 158 1.12 -3.74 -15.04
C GLU A 158 0.32 -4.74 -14.23
N ALA A 159 0.08 -4.44 -12.95
CA ALA A 159 -0.73 -5.32 -12.12
C ALA A 159 -2.15 -5.45 -12.65
N MET A 160 -2.73 -4.34 -13.10
CA MET A 160 -4.08 -4.36 -13.65
C MET A 160 -4.15 -5.23 -14.89
N ASP A 161 -3.14 -5.12 -15.75
CA ASP A 161 -3.19 -5.88 -16.99
C ASP A 161 -3.16 -7.37 -16.70
N ILE A 162 -2.29 -7.81 -15.78
CA ILE A 162 -2.24 -9.21 -15.41
C ILE A 162 -3.54 -9.64 -14.76
N SER A 163 -4.06 -8.83 -13.84
CA SER A 163 -5.21 -9.24 -13.06
C SER A 163 -6.43 -9.41 -13.95
N LYS A 164 -6.56 -8.58 -14.97
CA LYS A 164 -7.72 -8.67 -15.86
C LYS A 164 -7.62 -9.90 -16.73
N LYS A 165 -6.43 -10.33 -17.09
CA LYS A 165 -6.27 -11.53 -17.90
C LYS A 165 -6.37 -12.80 -17.09
N GLU A 166 -5.91 -12.79 -15.84
CA GLU A 166 -5.66 -14.02 -15.11
C GLU A 166 -6.56 -14.26 -13.91
N MET A 167 -7.33 -13.28 -13.45
CA MET A 167 -8.12 -13.43 -12.24
C MET A 167 -9.57 -13.10 -12.51
N PRO A 168 -10.50 -13.71 -11.77
CA PRO A 168 -11.90 -13.32 -11.91
C PRO A 168 -12.14 -11.96 -11.30
N PRO A 169 -13.21 -11.26 -11.71
CA PRO A 169 -13.44 -9.89 -11.24
C PRO A 169 -13.72 -9.80 -9.76
N THR A 170 -14.03 -10.90 -9.08
CA THR A 170 -14.27 -10.88 -7.64
C THR A 170 -13.04 -11.22 -6.81
N ASN A 171 -11.93 -11.55 -7.44
CA ASN A 171 -10.76 -11.96 -6.69
C ASN A 171 -10.35 -10.82 -5.75
N PRO A 172 -10.18 -11.08 -4.45
CA PRO A 172 -9.88 -9.98 -3.53
C PRO A 172 -8.62 -9.20 -3.84
N ILE A 173 -7.59 -9.83 -4.41
CA ILE A 173 -6.39 -9.10 -4.78
C ILE A 173 -6.70 -8.15 -5.92
N ARG A 174 -7.40 -8.64 -6.92
CA ARG A 174 -7.80 -7.81 -8.06
C ARG A 174 -8.65 -6.64 -7.59
N LEU A 175 -9.59 -6.89 -6.67
CA LEU A 175 -10.42 -5.82 -6.15
C LEU A 175 -9.62 -4.80 -5.38
N GLY A 176 -8.73 -5.26 -4.49
CA GLY A 176 -7.92 -4.34 -3.71
C GLY A 176 -6.99 -3.50 -4.58
N LEU A 177 -6.45 -4.11 -5.64
CA LEU A 177 -5.63 -3.38 -6.60
C LEU A 177 -6.43 -2.28 -7.25
N ALA A 178 -7.62 -2.62 -7.77
CA ALA A 178 -8.46 -1.64 -8.44
C ALA A 178 -8.83 -0.52 -7.48
N LEU A 179 -9.20 -0.88 -6.25
CA LEU A 179 -9.48 0.11 -5.23
C LEU A 179 -8.31 1.07 -5.06
N ASN A 180 -7.10 0.54 -4.86
CA ASN A 180 -5.96 1.41 -4.60
C ASN A 180 -5.56 2.21 -5.83
N PHE A 181 -5.71 1.65 -7.02
CA PHE A 181 -5.42 2.43 -8.22
C PHE A 181 -6.43 3.56 -8.38
N SER A 182 -7.69 3.32 -8.00
CA SER A 182 -8.67 4.40 -8.08
C SER A 182 -8.31 5.50 -7.10
N VAL A 183 -7.83 5.13 -5.91
CA VAL A 183 -7.35 6.13 -4.94
C VAL A 183 -6.18 6.89 -5.49
N PHE A 184 -5.24 6.20 -6.14
CA PHE A 184 -4.15 6.88 -6.83
C PHE A 184 -4.68 7.93 -7.78
N HIS A 185 -5.65 7.57 -8.64
CA HIS A 185 -6.17 8.52 -9.61
C HIS A 185 -6.78 9.73 -8.90
N TYR A 186 -7.54 9.50 -7.84
CA TYR A 186 -8.26 10.60 -7.18
C TYR A 186 -7.33 11.49 -6.36
N GLU A 187 -6.45 10.88 -5.57
CA GLU A 187 -5.68 11.61 -4.56
C GLU A 187 -4.30 12.04 -5.03
N ILE A 188 -3.72 11.37 -6.02
CA ILE A 188 -2.36 11.60 -6.46
C ILE A 188 -2.31 12.21 -7.84
N ALA A 189 -3.03 11.64 -8.79
CA ALA A 189 -2.90 11.97 -10.20
C ALA A 189 -3.87 13.04 -10.67
N ASN A 190 -4.65 13.62 -9.76
CA ASN A 190 -5.58 14.70 -10.14
C ASN A 190 -6.53 14.25 -11.24
N SER A 191 -7.02 13.01 -11.14
CA SER A 191 -7.86 12.39 -12.18
C SER A 191 -9.11 11.82 -11.54
N PRO A 192 -9.95 12.64 -10.94
CA PRO A 192 -11.14 12.11 -10.24
C PRO A 192 -12.09 11.37 -11.17
N GLU A 193 -12.22 11.78 -12.42
CA GLU A 193 -13.12 11.06 -13.31
C GLU A 193 -12.61 9.66 -13.60
N GLU A 194 -11.30 9.51 -13.78
CA GLU A 194 -10.72 8.18 -13.97
C GLU A 194 -10.94 7.32 -12.72
N ALA A 195 -10.79 7.92 -11.56
CA ALA A 195 -11.01 7.20 -10.30
C ALA A 195 -12.44 6.68 -10.21
N ILE A 196 -13.40 7.55 -10.51
CA ILE A 196 -14.82 7.18 -10.44
C ILE A 196 -15.14 6.10 -11.47
N SER A 197 -14.64 6.25 -12.68
CA SER A 197 -14.92 5.26 -13.71
C SER A 197 -14.34 3.91 -13.33
N LEU A 198 -13.11 3.88 -12.82
CA LEU A 198 -12.51 2.61 -12.45
CA LEU A 198 -12.50 2.62 -12.44
C LEU A 198 -13.27 1.97 -11.30
N ALA A 199 -13.63 2.74 -10.29
CA ALA A 199 -14.35 2.15 -9.17
C ALA A 199 -15.70 1.62 -9.61
N LYS A 200 -16.42 2.35 -10.46
CA LYS A 200 -17.73 1.90 -10.94
C LYS A 200 -17.62 0.62 -11.73
N THR A 201 -16.72 0.59 -12.71
CA THR A 201 -16.60 -0.60 -13.53
C THR A 201 -16.17 -1.80 -12.69
N THR A 202 -15.23 -1.57 -11.78
CA THR A 202 -14.77 -2.67 -10.93
C THR A 202 -15.93 -3.23 -10.10
N PHE A 203 -16.70 -2.34 -9.48
CA PHE A 203 -17.82 -2.77 -8.66
C PHE A 203 -18.83 -3.54 -9.48
N ASP A 204 -19.16 -3.03 -10.66
CA ASP A 204 -20.20 -3.66 -11.47
C ASP A 204 -19.76 -5.02 -11.99
N GLU A 205 -18.51 -5.15 -12.39
CA GLU A 205 -18.05 -6.43 -12.90
C GLU A 205 -17.95 -7.45 -11.79
N ALA A 206 -17.62 -7.02 -10.57
CA ALA A 206 -17.62 -7.94 -9.44
C ALA A 206 -19.04 -8.37 -9.10
N MET A 207 -19.98 -7.42 -9.06
CA MET A 207 -21.37 -7.75 -8.76
C MET A 207 -21.86 -8.88 -9.63
N ALA A 208 -21.56 -8.81 -10.91
CA ALA A 208 -22.06 -9.77 -11.88
C ALA A 208 -21.40 -11.13 -11.76
N ASP A 209 -20.32 -11.25 -10.99
CA ASP A 209 -19.61 -12.51 -10.80
C ASP A 209 -19.85 -13.11 -9.42
N LEU A 210 -20.58 -12.41 -8.53
CA LEU A 210 -20.78 -12.93 -7.17
C LEU A 210 -21.49 -14.28 -7.18
N HIS A 211 -22.34 -14.53 -8.17
CA HIS A 211 -23.15 -15.75 -8.17
C HIS A 211 -22.28 -16.99 -8.25
N THR A 212 -21.02 -16.85 -8.65
CA THR A 212 -20.16 -18.00 -8.79
C THR A 212 -19.50 -18.42 -7.49
N LEU A 213 -19.65 -17.66 -6.42
CA LEU A 213 -18.83 -17.77 -5.23
C LEU A 213 -19.53 -18.53 -4.12
N SER A 214 -18.71 -19.19 -3.30
CA SER A 214 -19.18 -19.75 -2.05
C SER A 214 -19.54 -18.63 -1.09
N GLU A 215 -20.19 -19.00 0.01
CA GLU A 215 -20.55 -18.02 1.02
C GLU A 215 -19.33 -17.30 1.55
N ASP A 216 -18.24 -18.03 1.80
CA ASP A 216 -17.06 -17.40 2.38
C ASP A 216 -16.38 -16.47 1.39
N SER A 217 -16.26 -16.90 0.13
CA SER A 217 -15.68 -16.01 -0.87
C SER A 217 -16.57 -14.79 -1.11
N TYR A 218 -17.88 -14.99 -1.10
CA TYR A 218 -18.81 -13.87 -1.23
C TYR A 218 -18.57 -12.84 -0.15
N LYS A 219 -18.38 -13.27 1.09
CA LYS A 219 -18.09 -12.33 2.16
C LYS A 219 -16.78 -11.59 1.90
N ASP A 220 -15.74 -12.31 1.48
CA ASP A 220 -14.45 -11.68 1.21
C ASP A 220 -14.59 -10.59 0.14
N SER A 221 -15.23 -10.92 -0.96
CA SER A 221 -15.33 -9.99 -2.08
C SER A 221 -16.22 -8.80 -1.74
N THR A 222 -17.36 -9.05 -1.11
CA THR A 222 -18.31 -7.97 -0.86
C THR A 222 -17.75 -6.98 0.15
N LEU A 223 -16.88 -7.44 1.06
CA LEU A 223 -16.26 -6.50 1.99
C LEU A 223 -15.45 -5.44 1.25
N ILE A 224 -14.70 -5.85 0.24
CA ILE A 224 -13.88 -4.90 -0.51
C ILE A 224 -14.75 -4.07 -1.45
N MET A 225 -15.78 -4.68 -2.04
CA MET A 225 -16.70 -3.92 -2.86
C MET A 225 -17.31 -2.77 -2.08
N GLN A 226 -17.55 -2.97 -0.79
CA GLN A 226 -18.14 -1.90 0.00
C GLN A 226 -17.21 -0.69 0.09
N LEU A 227 -15.89 -0.92 0.09
CA LEU A 227 -14.97 0.21 0.10
C LEU A 227 -15.04 0.99 -1.22
N LEU A 228 -15.18 0.28 -2.35
CA LEU A 228 -15.38 0.95 -3.61
C LEU A 228 -16.63 1.82 -3.57
N ARG A 229 -17.71 1.27 -3.02
CA ARG A 229 -18.96 2.02 -2.93
C ARG A 229 -18.81 3.22 -1.99
N ASP A 230 -18.13 3.03 -0.86
CA ASP A 230 -17.90 4.14 0.06
C ASP A 230 -17.16 5.28 -0.62
N ASN A 231 -16.11 4.96 -1.40
CA ASN A 231 -15.40 6.01 -2.12
C ASN A 231 -16.31 6.67 -3.13
N LEU A 232 -17.07 5.88 -3.89
CA LEU A 232 -17.95 6.49 -4.87
C LEU A 232 -18.94 7.45 -4.21
N THR A 233 -19.42 7.11 -3.01
CA THR A 233 -20.31 8.01 -2.30
C THR A 233 -19.58 9.29 -1.89
N LEU A 234 -18.31 9.19 -1.51
CA LEU A 234 -17.54 10.38 -1.16
C LEU A 234 -17.21 11.22 -2.39
N TRP A 235 -16.96 10.59 -3.54
CA TRP A 235 -16.46 11.26 -4.73
C TRP A 235 -17.55 11.83 -5.62
N THR A 236 -18.80 11.43 -5.40
CA THR A 236 -19.92 11.88 -6.21
C THR A 236 -21.06 12.35 -5.31
N VAL B 3 -12.08 15.01 3.70
CA VAL B 3 -12.30 13.57 3.86
C VAL B 3 -11.46 12.81 2.83
N ARG B 4 -10.57 11.94 3.30
CA ARG B 4 -9.67 11.20 2.43
C ARG B 4 -10.27 9.88 2.01
N SER B 5 -9.86 9.42 0.82
CA SER B 5 -10.44 8.22 0.22
C SER B 5 -9.96 6.97 0.95
N LEU B 6 -10.79 5.92 0.89
CA LEU B 6 -10.49 4.67 1.55
C LEU B 6 -9.66 3.77 0.65
N GLU B 8 -7.34 -0.08 0.38
CA GLU B 8 -7.53 -1.47 0.75
C GLU B 8 -7.14 -1.70 2.20
N ARG B 9 -7.96 -2.51 2.86
CA ARG B 9 -7.76 -2.92 4.24
C ARG B 9 -6.94 -4.21 4.30
N LEU B 10 -6.39 -4.47 5.47
CA LEU B 10 -5.51 -5.62 5.67
C LEU B 10 -6.30 -6.88 5.98
#